data_3J0D
#
_entry.id   3J0D
#
_cell.length_a   1.000
_cell.length_b   1.000
_cell.length_c   1.000
_cell.angle_alpha   90.00
_cell.angle_beta   90.00
_cell.angle_gamma   90.00
#
_symmetry.space_group_name_H-M   'P 1'
#
loop_
_entity.id
_entity.type
_entity.pdbx_description
1 polymer 'ribosomal 23S RNA'
2 polymer 'ribosomal 23S RNA'
3 polymer 'ribosomal 23S RNA'
4 polymer 'ribosomal 23S RNA'
5 polymer 'ribosomal 23S RNA'
6 polymer 'ribosomal 23S RNA'
7 polymer '50S ribosomal protein L11'
8 polymer 'ribosomal 16S RNA'
9 polymer 'ribosomal 16S RNA'
10 polymer '30S ribosomal protein S12'
11 polymer 'Ribosome-recycling factor'
#
loop_
_entity_poly.entity_id
_entity_poly.type
_entity_poly.pdbx_seq_one_letter_code
_entity_poly.pdbx_strand_id
1 'polyribonucleotide' GGAUGUUGGCUUAGAAGCAGCCAUCAUUUAAAGAAAGCGUAAUAGCUCAC A
2 'polyribonucleotide' CGGCCGUAACUAUAACGGUCCU B
3 'polyribonucleotide' GUCGGGUAAGUUCCGAC C
4 'polyribonucleotide' GACUGGGGCGGUC D
5 'polyribonucleotide' GAACGUCGUGAGACAGUUC E
6 'polyribonucleotide' CCUAGUACGAGAGGACCGG F
7 'polypeptide(L)'
;AKKVQAYVKLQVAAGMANPSPPVGPALGQQGVNIMEFCKAFNAKTDSIEKGLPIPVVITVYADRSFTFVTKTPPAAVLLK
KAAGIKSGSGKPNKDKVGKISRAQLQEIAQTKAADMTGADIEAMTRSIEGTARSMGLVVED
;
G
8 'polyribonucleotide' CGUCACACCAUGGGAGUG H
9 'polyribonucleotide' CAUGACUGGGGUGAAGUCG h
10 'polypeptide(L)'
;ATVNQLVRKPRARKVAKSNVPALEACPQKRGVCTRVYTTTPKKPNSALRKVCRVRLTNGFEVTSYIGGEGHNLQEHSVIL
IRGGRVKDLPGVRYHTVRGALDCSGVKDRKQARSKYGVKRPKA
;
I
11 'polypeptide(L)'
;MTLKELYAETRSHMQKSLEVLEHNLAGLRTGRANPALLLHLKVEYYGAHVPLNQIATVTAPDPRTLVVQSWDQNALKAIE
KAIRDSDLGLNPSNKGDALYINIPPLTEERRKDLVRAVRQYAEEGRVAIRNIRREALDKLKKLAKELHLSEDETKRAEAE
IQKITDEFIAKADQLAEKKEQEILG
;
J
#
# COMPACT_ATOMS: atom_id res chain seq x y z
N ALA G 1 -37.48 36.01 -18.92
CA ALA G 1 -38.54 37.03 -19.21
C ALA G 1 -38.14 37.89 -20.40
N LYS G 2 -36.91 37.72 -20.87
CA LYS G 2 -36.39 38.47 -22.00
C LYS G 2 -35.60 37.52 -22.89
N LYS G 3 -34.87 38.07 -23.85
CA LYS G 3 -34.05 37.26 -24.74
C LYS G 3 -32.95 36.66 -23.86
N VAL G 4 -32.71 35.36 -23.99
CA VAL G 4 -31.68 34.72 -23.19
C VAL G 4 -30.30 34.97 -23.77
N GLN G 5 -29.37 35.40 -22.91
CA GLN G 5 -28.01 35.67 -23.35
C GLN G 5 -27.06 34.82 -22.53
N ALA G 6 -25.83 34.67 -23.01
CA ALA G 6 -24.86 33.89 -22.28
C ALA G 6 -24.66 34.58 -20.94
N TYR G 7 -24.56 33.79 -19.87
CA TYR G 7 -24.38 34.34 -18.54
C TYR G 7 -24.32 33.19 -17.54
N VAL G 8 -23.52 33.37 -16.50
CA VAL G 8 -23.40 32.34 -15.48
C VAL G 8 -24.11 32.79 -14.21
N LYS G 9 -24.54 31.83 -13.40
CA LYS G 9 -25.21 32.14 -12.15
C LYS G 9 -24.48 31.38 -11.06
N LEU G 10 -24.33 32.04 -9.91
CA LEU G 10 -23.63 31.43 -8.79
C LEU G 10 -23.96 32.20 -7.51
N GLN G 11 -23.87 31.51 -6.38
CA GLN G 11 -24.14 32.14 -5.10
C GLN G 11 -22.84 32.30 -4.34
N VAL G 12 -22.38 33.55 -4.23
CA VAL G 12 -21.15 33.84 -3.53
C VAL G 12 -21.44 34.57 -2.23
N ALA G 13 -20.57 34.39 -1.24
CA ALA G 13 -20.75 35.04 0.05
C ALA G 13 -20.90 36.54 -0.13
N ALA G 14 -21.44 37.21 0.86
CA ALA G 14 -21.64 38.64 0.80
C ALA G 14 -20.35 39.41 0.54
N GLY G 15 -19.51 39.53 1.55
CA GLY G 15 -18.27 40.26 1.40
C GLY G 15 -17.01 39.43 1.24
N MET G 16 -16.85 38.78 0.09
CA MET G 16 -15.68 37.97 -0.18
C MET G 16 -15.75 37.32 -1.56
N ALA G 17 -14.62 37.28 -2.26
CA ALA G 17 -14.57 36.69 -3.59
C ALA G 17 -13.15 36.55 -4.12
N ASN G 18 -13.04 35.92 -5.29
CA ASN G 18 -11.78 35.69 -6.00
C ASN G 18 -11.08 34.34 -5.79
N PRO G 19 -11.48 33.55 -4.78
CA PRO G 19 -10.75 32.28 -4.67
C PRO G 19 -11.02 31.46 -5.93
N SER G 20 -10.01 30.71 -6.38
CA SER G 20 -10.16 29.90 -7.60
C SER G 20 -11.25 28.84 -7.53
N PRO G 21 -11.19 27.94 -6.55
CA PRO G 21 -12.22 26.89 -6.45
C PRO G 21 -13.65 27.42 -6.40
N PRO G 22 -13.95 28.34 -5.45
CA PRO G 22 -15.32 28.87 -5.38
C PRO G 22 -15.75 29.57 -6.67
N VAL G 23 -14.98 30.58 -7.06
CA VAL G 23 -15.26 31.32 -8.29
C VAL G 23 -14.16 31.09 -9.32
N GLY G 24 -13.44 32.15 -9.69
CA GLY G 24 -12.37 32.01 -10.65
C GLY G 24 -12.73 31.18 -11.86
N PRO G 25 -12.20 29.95 -11.97
CA PRO G 25 -12.46 29.03 -13.09
C PRO G 25 -13.93 28.84 -13.47
N ALA G 26 -14.85 29.01 -12.54
CA ALA G 26 -16.27 28.85 -12.84
C ALA G 26 -16.65 29.78 -13.99
N LEU G 27 -16.64 31.08 -13.71
CA LEU G 27 -16.96 32.09 -14.70
C LEU G 27 -15.73 32.42 -15.54
N GLY G 28 -14.56 32.12 -14.98
CA GLY G 28 -13.31 32.39 -15.66
C GLY G 28 -13.26 31.74 -17.03
N GLN G 29 -13.90 30.58 -17.17
CA GLN G 29 -13.92 29.88 -18.44
C GLN G 29 -14.64 30.75 -19.47
N GLN G 30 -15.69 31.42 -19.01
CA GLN G 30 -16.52 32.28 -19.86
C GLN G 30 -15.77 33.45 -20.50
N GLY G 31 -14.75 33.95 -19.83
CA GLY G 31 -14.00 35.08 -20.37
C GLY G 31 -14.26 36.26 -19.46
N VAL G 32 -14.79 35.96 -18.28
CA VAL G 32 -15.09 36.97 -17.28
C VAL G 32 -13.79 37.47 -16.66
N ASN G 33 -13.81 38.71 -16.17
CA ASN G 33 -12.65 39.29 -15.52
C ASN G 33 -12.88 39.11 -14.02
N ILE G 34 -12.30 38.05 -13.45
CA ILE G 34 -12.46 37.76 -12.03
C ILE G 34 -12.16 38.93 -11.12
N MET G 35 -10.98 39.53 -11.28
CA MET G 35 -10.57 40.67 -10.45
C MET G 35 -11.63 41.76 -10.42
N GLU G 36 -12.08 42.23 -11.58
CA GLU G 36 -13.09 43.28 -11.60
C GLU G 36 -14.35 42.87 -10.85
N PHE G 37 -14.85 41.68 -11.13
CA PHE G 37 -16.06 41.21 -10.47
C PHE G 37 -15.93 41.05 -8.96
N CYS G 38 -14.82 40.47 -8.51
CA CYS G 38 -14.63 40.27 -7.08
C CYS G 38 -14.74 41.60 -6.33
N LYS G 39 -14.05 42.61 -6.85
CA LYS G 39 -14.09 43.93 -6.23
C LYS G 39 -15.46 44.57 -6.45
N ALA G 40 -15.98 44.43 -7.66
CA ALA G 40 -17.29 44.99 -8.00
C ALA G 40 -18.39 44.36 -7.17
N PHE G 41 -18.40 43.04 -7.07
CA PHE G 41 -19.42 42.34 -6.31
C PHE G 41 -19.39 42.73 -4.84
N ASN G 42 -18.24 42.56 -4.20
CA ASN G 42 -18.09 42.89 -2.78
C ASN G 42 -18.46 44.33 -2.48
N ALA G 43 -18.31 45.21 -3.46
CA ALA G 43 -18.62 46.62 -3.29
C ALA G 43 -20.05 46.85 -2.83
N LYS G 44 -21.01 46.46 -3.67
CA LYS G 44 -22.42 46.63 -3.36
C LYS G 44 -22.93 45.65 -2.32
N THR G 45 -22.33 44.46 -2.26
CA THR G 45 -22.77 43.45 -1.31
C THR G 45 -22.59 43.86 0.15
N ASP G 46 -21.60 44.70 0.45
CA ASP G 46 -21.40 45.15 1.83
C ASP G 46 -22.62 45.95 2.25
N SER G 47 -23.05 46.86 1.39
CA SER G 47 -24.21 47.71 1.65
C SER G 47 -25.49 46.90 1.73
N ILE G 48 -25.77 46.14 0.68
CA ILE G 48 -26.97 45.30 0.65
C ILE G 48 -27.06 44.50 1.93
N GLU G 49 -26.00 43.75 2.22
CA GLU G 49 -25.94 42.91 3.41
C GLU G 49 -24.71 42.02 3.43
N LYS G 50 -24.00 42.01 4.55
CA LYS G 50 -22.81 41.18 4.71
C LYS G 50 -23.16 40.00 5.60
N GLY G 51 -22.40 38.91 5.47
CA GLY G 51 -22.65 37.74 6.29
C GLY G 51 -23.62 36.74 5.68
N LEU G 52 -24.36 37.18 4.66
CA LEU G 52 -25.33 36.31 4.02
C LEU G 52 -24.98 36.00 2.57
N PRO G 53 -24.91 34.71 2.22
CA PRO G 53 -24.59 34.30 0.85
C PRO G 53 -25.70 34.78 -0.09
N ILE G 54 -25.32 35.59 -1.07
CA ILE G 54 -26.28 36.11 -2.03
C ILE G 54 -26.00 35.63 -3.44
N PRO G 55 -26.98 34.97 -4.08
CA PRO G 55 -26.75 34.49 -5.45
C PRO G 55 -26.79 35.68 -6.41
N VAL G 56 -25.89 35.67 -7.39
CA VAL G 56 -25.83 36.74 -8.37
C VAL G 56 -25.78 36.12 -9.76
N VAL G 57 -26.35 36.83 -10.74
CA VAL G 57 -26.36 36.34 -12.11
C VAL G 57 -25.43 37.19 -12.97
N ILE G 58 -24.27 36.64 -13.30
CA ILE G 58 -23.30 37.34 -14.13
C ILE G 58 -23.71 37.19 -15.59
N THR G 59 -23.68 38.31 -16.32
CA THR G 59 -24.03 38.32 -17.73
C THR G 59 -22.82 38.85 -18.48
N VAL G 60 -22.15 37.97 -19.23
CA VAL G 60 -20.98 38.37 -19.99
C VAL G 60 -21.37 38.65 -21.43
N TYR G 61 -20.70 39.63 -22.03
CA TYR G 61 -20.98 40.04 -23.40
C TYR G 61 -19.87 39.55 -24.33
N ALA G 62 -20.03 39.83 -25.62
CA ALA G 62 -19.04 39.44 -26.60
C ALA G 62 -17.76 40.17 -26.24
N ASP G 63 -17.91 41.36 -25.66
CA ASP G 63 -16.78 42.18 -25.23
C ASP G 63 -16.10 41.43 -24.10
N ARG G 64 -16.74 40.35 -23.66
CA ARG G 64 -16.32 39.53 -22.53
C ARG G 64 -16.38 40.40 -21.28
N SER G 65 -17.05 41.54 -21.46
CA SER G 65 -17.30 42.50 -20.39
C SER G 65 -18.52 41.87 -19.73
N PHE G 66 -18.94 42.38 -18.58
CA PHE G 66 -20.10 41.76 -17.95
C PHE G 66 -20.84 42.64 -16.96
N THR G 67 -22.04 42.19 -16.61
CA THR G 67 -22.89 42.88 -15.66
C THR G 67 -23.47 41.79 -14.78
N PHE G 68 -24.07 42.18 -13.66
CA PHE G 68 -24.66 41.22 -12.76
C PHE G 68 -25.71 41.88 -11.88
N VAL G 69 -26.76 41.11 -11.57
CA VAL G 69 -27.83 41.61 -10.72
C VAL G 69 -27.81 40.82 -9.41
N THR G 70 -27.83 41.54 -8.29
CA THR G 70 -27.82 40.90 -6.99
C THR G 70 -29.25 40.72 -6.50
N LYS G 71 -29.65 39.48 -6.29
CA LYS G 71 -30.98 39.18 -5.80
C LYS G 71 -30.92 38.87 -4.31
N THR G 72 -32.00 38.34 -3.75
CA THR G 72 -32.03 38.01 -2.33
C THR G 72 -31.45 36.62 -2.10
N PRO G 73 -30.99 36.34 -0.86
CA PRO G 73 -30.41 35.04 -0.54
C PRO G 73 -31.42 33.91 -0.72
N PRO G 74 -30.94 32.71 -1.08
CA PRO G 74 -31.82 31.56 -1.29
C PRO G 74 -32.76 31.30 -0.12
N ALA G 75 -33.90 30.67 -0.39
CA ALA G 75 -34.86 30.36 0.66
C ALA G 75 -34.25 29.40 1.67
N ALA G 76 -33.53 28.40 1.15
CA ALA G 76 -32.89 27.40 2.00
C ALA G 76 -31.94 28.04 3.01
N VAL G 77 -31.12 28.97 2.56
CA VAL G 77 -30.16 29.63 3.45
C VAL G 77 -30.87 30.46 4.52
N LEU G 78 -31.84 31.27 4.11
CA LEU G 78 -32.57 32.09 5.07
C LEU G 78 -33.28 31.22 6.09
N LEU G 79 -33.78 30.07 5.66
CA LEU G 79 -34.44 29.16 6.56
C LEU G 79 -33.44 28.56 7.54
N LYS G 80 -32.24 28.31 7.04
CA LYS G 80 -31.19 27.75 7.89
C LYS G 80 -30.81 28.72 9.00
N LYS G 81 -30.63 29.99 8.65
CA LYS G 81 -30.28 30.98 9.65
C LYS G 81 -31.45 31.19 10.61
N ALA G 82 -32.66 31.24 10.05
CA ALA G 82 -33.85 31.42 10.86
C ALA G 82 -33.97 30.26 11.84
N ALA G 83 -33.71 29.05 11.33
CA ALA G 83 -33.76 27.84 12.15
C ALA G 83 -32.62 27.85 13.14
N GLY G 84 -31.53 28.51 12.78
CA GLY G 84 -30.38 28.57 13.65
C GLY G 84 -29.51 27.34 13.45
N ILE G 85 -29.73 26.65 12.35
CA ILE G 85 -28.97 25.44 12.04
C ILE G 85 -27.99 25.69 10.89
N LYS G 86 -26.93 24.89 10.84
CA LYS G 86 -25.92 25.04 9.79
C LYS G 86 -26.29 24.31 8.51
N SER G 87 -26.87 23.12 8.63
CA SER G 87 -27.24 22.34 7.44
C SER G 87 -28.65 21.75 7.45
N GLY G 88 -29.06 21.25 6.28
CA GLY G 88 -30.36 20.65 6.13
C GLY G 88 -30.48 19.30 6.81
N SER G 89 -31.67 18.70 6.70
CA SER G 89 -31.96 17.41 7.33
C SER G 89 -31.15 16.20 6.90
N GLY G 90 -30.85 16.08 5.61
CA GLY G 90 -30.11 14.92 5.15
C GLY G 90 -31.16 13.87 4.79
N LYS G 91 -32.19 13.81 5.62
CA LYS G 91 -33.31 12.90 5.43
C LYS G 91 -34.56 13.68 5.85
N PRO G 92 -34.97 14.66 5.02
CA PRO G 92 -36.12 15.54 5.22
C PRO G 92 -37.43 14.84 5.58
N ASN G 93 -38.20 15.47 6.47
CA ASN G 93 -39.48 14.94 6.93
C ASN G 93 -39.33 13.72 7.82
N LYS G 94 -38.31 12.91 7.55
CA LYS G 94 -38.06 11.72 8.35
C LYS G 94 -37.53 12.19 9.70
N ASP G 95 -36.57 13.11 9.63
CA ASP G 95 -35.96 13.67 10.83
C ASP G 95 -35.92 15.19 10.73
N LYS G 96 -36.50 15.85 11.72
CA LYS G 96 -36.53 17.31 11.77
C LYS G 96 -35.28 17.86 12.42
N VAL G 97 -34.51 18.63 11.66
CA VAL G 97 -33.27 19.22 12.16
C VAL G 97 -33.55 20.51 12.92
N GLY G 98 -34.64 21.18 12.56
CA GLY G 98 -34.99 22.42 13.22
C GLY G 98 -36.42 22.83 12.94
N LYS G 99 -36.81 23.99 13.44
CA LYS G 99 -38.17 24.50 13.24
C LYS G 99 -38.17 26.01 13.06
N ILE G 100 -39.25 26.51 12.46
CA ILE G 100 -39.41 27.94 12.23
C ILE G 100 -40.85 28.32 12.53
N SER G 101 -41.04 29.45 13.21
CA SER G 101 -42.39 29.90 13.52
C SER G 101 -42.99 30.39 12.21
N ARG G 102 -44.32 30.41 12.11
CA ARG G 102 -44.94 30.87 10.87
C ARG G 102 -44.63 32.34 10.64
N ALA G 103 -44.41 33.07 11.74
CA ALA G 103 -44.09 34.48 11.66
C ALA G 103 -42.82 34.67 10.84
N GLN G 104 -41.80 33.88 11.16
CA GLN G 104 -40.52 33.96 10.46
C GLN G 104 -40.69 33.64 8.99
N LEU G 105 -41.53 32.67 8.67
CA LEU G 105 -41.77 32.29 7.29
C LEU G 105 -42.24 33.53 6.53
N GLN G 106 -43.07 34.33 7.19
CA GLN G 106 -43.60 35.54 6.59
C GLN G 106 -42.43 36.50 6.35
N GLU G 107 -41.53 36.59 7.32
CA GLU G 107 -40.36 37.46 7.22
C GLU G 107 -39.52 37.09 6.00
N ILE G 108 -39.19 35.81 5.88
CA ILE G 108 -38.39 35.32 4.77
C ILE G 108 -39.14 35.57 3.46
N ALA G 109 -40.43 35.30 3.48
CA ALA G 109 -41.26 35.51 2.30
C ALA G 109 -41.20 36.98 1.93
N GLN G 110 -41.14 37.85 2.93
CA GLN G 110 -41.06 39.28 2.74
C GLN G 110 -39.75 39.64 2.03
N THR G 111 -38.66 39.11 2.59
CA THR G 111 -37.32 39.37 2.07
C THR G 111 -37.17 38.97 0.60
N LYS G 112 -37.55 37.74 0.29
CA LYS G 112 -37.45 37.23 -1.08
C LYS G 112 -38.58 37.71 -1.99
N ALA G 113 -39.53 38.44 -1.41
CA ALA G 113 -40.67 38.96 -2.15
C ALA G 113 -40.29 39.51 -3.52
N ALA G 114 -39.19 40.26 -3.58
CA ALA G 114 -38.72 40.83 -4.83
C ALA G 114 -38.50 39.74 -5.87
N ASP G 115 -37.87 38.65 -5.44
CA ASP G 115 -37.59 37.53 -6.33
C ASP G 115 -38.80 36.64 -6.55
N MET G 116 -39.72 36.64 -5.59
CA MET G 116 -40.91 35.81 -5.66
C MET G 116 -42.00 36.31 -6.60
N THR G 117 -42.73 35.37 -7.20
CA THR G 117 -43.81 35.66 -8.13
C THR G 117 -45.12 35.85 -7.38
N GLY G 118 -45.19 35.32 -6.17
CA GLY G 118 -46.39 35.41 -5.35
C GLY G 118 -47.18 36.70 -5.50
N ALA G 119 -48.48 36.55 -5.76
CA ALA G 119 -49.35 37.70 -5.92
C ALA G 119 -49.58 38.33 -4.55
N ASP G 120 -49.74 37.49 -3.53
CA ASP G 120 -49.97 37.96 -2.17
C ASP G 120 -48.98 37.37 -1.17
N ILE G 121 -48.96 37.94 0.03
CA ILE G 121 -48.08 37.52 1.11
C ILE G 121 -48.32 36.05 1.48
N GLU G 122 -49.58 35.67 1.62
CA GLU G 122 -49.92 34.30 1.97
C GLU G 122 -49.24 33.39 0.96
N ALA G 123 -49.35 33.76 -0.32
CA ALA G 123 -48.77 33.00 -1.41
C ALA G 123 -47.27 32.79 -1.25
N MET G 124 -46.54 33.88 -1.04
CA MET G 124 -45.09 33.80 -0.89
C MET G 124 -44.70 32.94 0.30
N THR G 125 -45.50 32.99 1.36
CA THR G 125 -45.22 32.19 2.54
C THR G 125 -45.33 30.71 2.18
N ARG G 126 -46.39 30.37 1.46
CA ARG G 126 -46.62 29.00 1.04
C ARG G 126 -45.41 28.49 0.23
N SER G 127 -44.83 29.36 -0.58
CA SER G 127 -43.67 29.00 -1.38
C SER G 127 -42.48 28.73 -0.48
N ILE G 128 -42.30 29.57 0.54
CA ILE G 128 -41.21 29.41 1.48
C ILE G 128 -41.36 28.07 2.18
N GLU G 129 -42.59 27.75 2.59
CA GLU G 129 -42.89 26.49 3.26
C GLU G 129 -42.34 25.32 2.44
N GLY G 130 -42.52 25.41 1.13
CA GLY G 130 -42.04 24.36 0.24
C GLY G 130 -40.58 24.02 0.45
N THR G 131 -39.77 25.06 0.59
CA THR G 131 -38.34 24.90 0.81
C THR G 131 -38.09 24.24 2.15
N ALA G 132 -38.77 24.74 3.18
CA ALA G 132 -38.62 24.24 4.54
C ALA G 132 -38.92 22.74 4.61
N ARG G 133 -39.99 22.32 3.94
CA ARG G 133 -40.36 20.90 3.94
C ARG G 133 -39.26 20.05 3.33
N SER G 134 -38.55 20.61 2.36
CA SER G 134 -37.48 19.90 1.68
C SER G 134 -36.21 19.80 2.52
N MET G 135 -36.03 20.75 3.43
CA MET G 135 -34.83 20.79 4.25
C MET G 135 -34.95 20.20 5.66
N GLY G 136 -36.10 19.62 5.96
CA GLY G 136 -36.28 19.04 7.28
C GLY G 136 -36.51 20.10 8.34
N LEU G 137 -37.12 21.20 7.93
CA LEU G 137 -37.43 22.29 8.86
C LEU G 137 -38.93 22.45 8.97
N VAL G 138 -39.46 22.16 10.16
CA VAL G 138 -40.90 22.27 10.39
C VAL G 138 -41.24 23.69 10.81
N VAL G 139 -42.51 24.04 10.68
CA VAL G 139 -42.98 25.36 11.05
C VAL G 139 -44.06 25.25 12.11
N GLU G 140 -43.91 26.02 13.18
CA GLU G 140 -44.89 26.01 14.25
C GLU G 140 -45.84 27.15 13.93
N ASP G 141 -47.13 26.86 13.88
CA ASP G 141 -48.11 27.91 13.58
C ASP G 141 -48.76 28.37 14.88
N ALA J 1 69.32 -38.59 15.53
C ALA J 1 71.36 -39.82 14.82
N THR J 2 71.85 -40.54 13.82
CA THR J 2 73.29 -40.57 13.55
C THR J 2 73.53 -40.07 12.13
N VAL J 3 74.74 -39.58 11.87
CA VAL J 3 75.09 -39.07 10.54
C VAL J 3 74.56 -40.00 9.45
N ASN J 4 74.86 -41.28 9.58
CA ASN J 4 74.41 -42.29 8.62
C ASN J 4 72.89 -42.24 8.50
N GLN J 5 72.21 -42.38 9.63
CA GLN J 5 70.76 -42.37 9.66
C GLN J 5 70.19 -41.03 9.18
N LEU J 6 71.07 -40.03 9.09
CA LEU J 6 70.64 -38.71 8.65
C LEU J 6 70.90 -38.56 7.16
N VAL J 7 72.03 -39.10 6.69
CA VAL J 7 72.39 -39.04 5.28
C VAL J 7 71.28 -39.68 4.45
N ARG J 8 70.68 -40.74 5.00
CA ARG J 8 69.60 -41.45 4.34
C ARG J 8 68.31 -40.62 4.41
N LYS J 9 67.71 -40.58 5.60
CA LYS J 9 66.49 -39.83 5.84
C LYS J 9 66.77 -38.68 6.81
N PRO J 10 67.20 -37.52 6.27
CA PRO J 10 67.52 -36.33 7.07
C PRO J 10 66.38 -35.87 7.99
N ARG J 11 66.38 -34.58 8.28
CA ARG J 11 65.36 -33.98 9.15
C ARG J 11 64.25 -33.37 8.30
N ALA J 12 63.05 -33.92 8.40
CA ALA J 12 61.91 -33.43 7.64
C ALA J 12 61.42 -32.08 8.16
N ARG J 13 60.83 -31.28 7.27
CA ARG J 13 60.33 -29.97 7.63
C ARG J 13 58.98 -30.07 8.33
N LYS J 14 58.02 -29.26 7.89
CA LYS J 14 56.69 -29.26 8.49
C LYS J 14 55.83 -28.23 7.77
N VAL J 15 55.01 -28.70 6.82
CA VAL J 15 54.15 -27.82 6.04
C VAL J 15 53.24 -26.97 6.92
N ALA J 16 53.66 -25.74 7.19
CA ALA J 16 52.88 -24.81 8.02
C ALA J 16 51.45 -24.69 7.51
N LYS J 17 50.50 -25.06 8.34
CA LYS J 17 49.08 -24.99 7.98
C LYS J 17 48.47 -23.65 8.37
N SER J 18 48.28 -22.79 7.37
CA SER J 18 47.71 -21.46 7.60
C SER J 18 46.19 -21.50 7.68
N ASN J 19 45.68 -21.49 8.91
CA ASN J 19 44.25 -21.52 9.15
C ASN J 19 43.54 -20.34 8.49
N VAL J 20 43.21 -20.50 7.21
CA VAL J 20 42.53 -19.46 6.45
C VAL J 20 42.17 -19.94 5.04
N PRO J 21 40.87 -20.08 4.75
CA PRO J 21 40.44 -20.53 3.43
C PRO J 21 40.65 -19.45 2.38
N ALA J 22 40.40 -18.20 2.79
CA ALA J 22 40.58 -17.04 1.91
C ALA J 22 42.06 -16.71 1.80
N LEU J 23 42.87 -17.74 1.58
CA LEU J 23 44.31 -17.56 1.46
C LEU J 23 44.69 -16.62 0.33
N GLU J 24 45.25 -17.19 -0.74
CA GLU J 24 45.67 -16.42 -1.90
C GLU J 24 46.70 -15.39 -1.45
N ALA J 25 47.19 -15.55 -0.22
CA ALA J 25 48.18 -14.64 0.35
C ALA J 25 47.71 -13.21 0.18
N CYS J 26 46.59 -12.88 0.81
CA CYS J 26 46.03 -11.53 0.71
C CYS J 26 45.67 -10.95 2.08
N PRO J 27 45.73 -9.62 2.21
CA PRO J 27 45.42 -8.95 3.47
C PRO J 27 43.92 -9.00 3.73
N GLN J 28 43.15 -9.02 2.65
CA GLN J 28 41.69 -9.08 2.72
C GLN J 28 41.08 -9.60 1.41
N LYS J 29 39.80 -9.93 1.46
CA LYS J 29 39.09 -10.45 0.29
C LYS J 29 37.66 -9.90 0.25
N ARG J 30 37.15 -9.64 -0.95
CA ARG J 30 35.80 -9.12 -1.10
C ARG J 30 34.76 -10.23 -1.02
N GLY J 31 33.58 -9.89 -0.52
CA GLY J 31 32.51 -10.87 -0.39
C GLY J 31 31.19 -10.36 -0.92
N VAL J 32 30.09 -10.96 -0.47
CA VAL J 32 28.76 -10.56 -0.89
C VAL J 32 27.76 -10.63 0.26
N CYS J 33 28.07 -11.48 1.23
CA CYS J 33 27.22 -11.65 2.41
C CYS J 33 25.96 -12.45 2.08
N THR J 34 25.92 -13.70 2.55
CA THR J 34 24.78 -14.58 2.30
C THR J 34 23.61 -14.21 3.23
N ARG J 35 23.92 -13.96 4.49
CA ARG J 35 22.90 -13.60 5.47
C ARG J 35 23.56 -13.02 6.72
N VAL J 36 22.75 -12.63 7.69
CA VAL J 36 23.24 -12.07 8.94
C VAL J 36 22.76 -12.90 10.11
N TYR J 37 23.67 -13.63 10.75
CA TYR J 37 23.32 -14.47 11.89
C TYR J 37 23.53 -13.79 13.23
N THR J 38 23.24 -14.53 14.30
CA THR J 38 23.39 -14.04 15.66
C THR J 38 23.64 -15.24 16.57
N THR J 39 24.48 -16.16 16.11
CA THR J 39 24.82 -17.36 16.85
C THR J 39 25.33 -17.10 18.27
N THR J 40 25.22 -18.12 19.12
CA THR J 40 25.67 -18.02 20.50
C THR J 40 27.11 -18.51 20.66
N PRO J 41 27.84 -17.93 21.64
CA PRO J 41 29.23 -18.29 21.93
C PRO J 41 29.39 -19.68 22.53
N LYS J 42 30.61 -19.99 22.98
CA LYS J 42 30.91 -21.28 23.59
C LYS J 42 30.30 -21.45 24.97
N LYS J 43 30.86 -22.36 25.74
CA LYS J 43 30.40 -22.67 27.09
C LYS J 43 30.81 -21.63 28.14
N PRO J 44 32.06 -21.15 28.07
CA PRO J 44 32.53 -20.15 29.05
C PRO J 44 31.82 -18.80 28.98
N ASN J 45 31.52 -18.34 27.77
CA ASN J 45 30.84 -17.06 27.60
C ASN J 45 29.39 -17.17 27.17
N SER J 46 28.69 -16.04 27.19
CA SER J 46 27.29 -15.98 26.81
C SER J 46 27.08 -14.80 25.87
N ALA J 47 25.82 -14.36 25.73
CA ALA J 47 25.47 -13.24 24.86
C ALA J 47 25.67 -13.60 23.39
N LEU J 48 24.65 -13.32 22.58
CA LEU J 48 24.69 -13.61 21.15
C LEU J 48 25.47 -12.57 20.34
N ARG J 49 26.44 -13.06 19.58
CA ARG J 49 27.26 -12.19 18.74
C ARG J 49 26.71 -12.16 17.32
N LYS J 50 27.21 -11.23 16.50
CA LYS J 50 26.77 -11.12 15.12
C LYS J 50 27.80 -11.69 14.15
N VAL J 51 27.32 -12.46 13.17
CA VAL J 51 28.18 -13.06 12.17
C VAL J 51 27.45 -13.03 10.82
N CYS J 52 28.08 -13.63 9.80
CA CYS J 52 27.46 -13.65 8.47
C CYS J 52 28.27 -14.44 7.46
N ARG J 53 27.60 -15.29 6.69
CA ARG J 53 28.25 -16.09 5.67
C ARG J 53 28.65 -15.17 4.53
N VAL J 54 29.85 -15.35 4.00
CA VAL J 54 30.34 -14.51 2.91
C VAL J 54 30.71 -15.35 1.69
N ARG J 55 30.32 -14.87 0.51
CA ARG J 55 30.60 -15.57 -0.74
C ARG J 55 31.82 -14.93 -1.41
N LEU J 56 32.98 -15.10 -0.78
CA LEU J 56 34.24 -14.55 -1.28
C LEU J 56 34.36 -14.58 -2.80
N THR J 57 35.07 -13.59 -3.34
CA THR J 57 35.27 -13.46 -4.78
C THR J 57 35.80 -14.74 -5.42
N ASN J 58 36.54 -15.53 -4.63
CA ASN J 58 37.11 -16.78 -5.13
C ASN J 58 36.17 -17.96 -4.90
N GLY J 59 34.88 -17.65 -4.73
CA GLY J 59 33.90 -18.69 -4.50
C GLY J 59 33.87 -19.20 -3.08
N PHE J 60 35.06 -19.44 -2.52
CA PHE J 60 35.21 -19.93 -1.15
C PHE J 60 34.31 -19.22 -0.16
N GLU J 61 33.19 -19.85 0.18
CA GLU J 61 32.24 -19.27 1.12
C GLU J 61 32.81 -19.40 2.53
N VAL J 62 32.36 -18.53 3.43
CA VAL J 62 32.83 -18.54 4.81
C VAL J 62 32.18 -17.43 5.62
N THR J 63 31.88 -17.72 6.89
CA THR J 63 31.27 -16.76 7.78
C THR J 63 32.30 -15.85 8.44
N SER J 64 32.08 -14.55 8.34
CA SER J 64 32.98 -13.55 8.93
C SER J 64 32.33 -12.85 10.12
N TYR J 65 33.15 -12.45 11.08
CA TYR J 65 32.65 -11.76 12.26
C TYR J 65 32.40 -10.29 11.92
N ILE J 66 31.38 -9.71 12.55
CA ILE J 66 31.02 -8.32 12.29
C ILE J 66 31.17 -7.50 13.57
N GLY J 67 32.38 -7.49 14.12
CA GLY J 67 32.64 -6.75 15.35
C GLY J 67 32.10 -5.33 15.35
N GLY J 68 32.16 -4.69 16.52
CA GLY J 68 31.67 -3.33 16.65
C GLY J 68 30.37 -3.25 17.42
N GLU J 69 30.15 -2.13 18.10
CA GLU J 69 28.93 -1.93 18.88
C GLU J 69 27.81 -1.35 18.02
N GLY J 70 27.53 -2.01 16.91
CA GLY J 70 26.47 -1.54 16.03
C GLY J 70 26.58 -2.09 14.62
N HIS J 71 25.86 -3.18 14.36
CA HIS J 71 25.88 -3.81 13.05
C HIS J 71 25.04 -2.97 12.08
N ASN J 72 25.14 -3.28 10.79
CA ASN J 72 24.39 -2.55 9.77
C ASN J 72 24.59 -3.16 8.40
N LEU J 73 24.68 -4.48 8.34
CA LEU J 73 24.87 -5.19 7.08
C LEU J 73 23.54 -5.77 6.60
N GLN J 74 23.46 -6.06 5.31
CA GLN J 74 22.25 -6.61 4.73
C GLN J 74 22.53 -8.00 4.15
N GLU J 75 21.48 -8.67 3.69
CA GLU J 75 21.62 -10.01 3.12
C GLU J 75 22.15 -9.99 1.70
N HIS J 76 22.67 -8.84 1.28
CA HIS J 76 23.21 -8.68 -0.07
C HIS J 76 24.36 -7.67 -0.10
N SER J 77 24.50 -6.91 0.98
CA SER J 77 25.54 -5.91 1.08
C SER J 77 26.93 -6.52 0.87
N VAL J 78 27.82 -5.76 0.23
CA VAL J 78 29.17 -6.22 -0.04
C VAL J 78 30.13 -5.78 1.04
N ILE J 79 30.77 -6.74 1.70
CA ILE J 79 31.72 -6.45 2.76
C ILE J 79 33.12 -6.95 2.37
N LEU J 80 34.11 -6.66 3.22
CA LEU J 80 35.47 -7.08 2.94
C LEU J 80 36.04 -7.89 4.11
N ILE J 81 36.37 -9.15 3.85
CA ILE J 81 36.93 -10.01 4.89
C ILE J 81 38.38 -9.62 5.15
N ARG J 82 38.82 -9.78 6.40
CA ARG J 82 40.18 -9.43 6.78
C ARG J 82 40.94 -10.62 7.38
N GLY J 83 40.42 -11.18 8.47
CA GLY J 83 41.07 -12.30 9.10
C GLY J 83 40.83 -12.35 10.60
N GLY J 84 41.85 -12.74 11.35
CA GLY J 84 41.73 -12.82 12.80
C GLY J 84 40.51 -13.61 13.24
N ARG J 85 40.72 -14.89 13.56
CA ARG J 85 39.62 -15.74 13.98
C ARG J 85 38.96 -15.24 15.26
N VAL J 86 37.99 -16.00 15.74
CA VAL J 86 37.28 -15.69 16.97
C VAL J 86 37.04 -16.98 17.73
N LYS J 87 37.34 -16.98 19.02
CA LYS J 87 37.18 -18.17 19.85
C LYS J 87 35.71 -18.55 20.05
N ASP J 88 35.02 -17.78 20.89
CA ASP J 88 33.61 -18.03 21.19
C ASP J 88 32.82 -18.50 19.97
N LEU J 89 33.20 -18.02 18.79
CA LEU J 89 32.52 -18.41 17.56
C LEU J 89 33.37 -19.34 16.71
N PRO J 90 33.08 -20.64 16.76
CA PRO J 90 33.82 -21.64 15.97
C PRO J 90 33.53 -21.53 14.49
N GLY J 91 34.48 -21.94 13.66
CA GLY J 91 34.29 -21.87 12.22
C GLY J 91 34.33 -20.43 11.73
N VAL J 92 34.15 -19.49 12.65
CA VAL J 92 34.16 -18.08 12.32
C VAL J 92 35.57 -17.53 12.53
N ARG J 93 36.44 -17.79 11.56
CA ARG J 93 37.83 -17.35 11.64
C ARG J 93 38.11 -16.13 10.76
N TYR J 94 37.14 -15.22 10.67
CA TYR J 94 37.28 -14.01 9.88
C TYR J 94 36.46 -12.86 10.44
N HIS J 95 36.75 -11.65 9.97
CA HIS J 95 36.04 -10.45 10.42
C HIS J 95 35.85 -9.50 9.24
N THR J 96 34.67 -8.89 9.15
CA THR J 96 34.37 -7.96 8.08
C THR J 96 34.97 -6.58 8.36
N VAL J 97 35.73 -6.07 7.41
CA VAL J 97 36.36 -4.76 7.55
C VAL J 97 35.33 -3.70 7.89
N ARG J 98 35.64 -2.89 8.89
CA ARG J 98 34.74 -1.82 9.32
C ARG J 98 35.04 -0.53 8.56
N GLY J 99 34.08 -0.09 7.75
CA GLY J 99 34.26 1.13 6.98
C GLY J 99 34.91 0.88 5.64
N ALA J 100 34.35 -0.07 4.88
CA ALA J 100 34.88 -0.42 3.57
C ALA J 100 33.80 -1.03 2.70
N LEU J 101 33.94 -0.89 1.38
CA LEU J 101 32.97 -1.44 0.44
C LEU J 101 31.55 -0.98 0.73
N ASP J 102 30.58 -1.87 0.52
CA ASP J 102 29.18 -1.54 0.76
C ASP J 102 28.72 -1.81 2.19
N CYS J 103 29.67 -1.80 3.13
CA CYS J 103 29.34 -2.03 4.53
C CYS J 103 29.19 -0.67 5.22
N SER J 104 29.12 -0.69 6.54
CA SER J 104 28.98 0.55 7.31
C SER J 104 30.19 0.73 8.23
N GLY J 105 29.89 1.07 9.48
CA GLY J 105 30.95 1.26 10.46
C GLY J 105 30.37 1.73 11.77
N VAL J 106 30.96 1.30 12.88
CA VAL J 106 30.49 1.69 14.21
C VAL J 106 30.12 3.16 14.24
N LYS J 107 29.12 3.49 15.05
CA LYS J 107 28.65 4.87 15.16
C LYS J 107 28.93 5.43 16.56
N ASP J 108 29.17 6.74 16.60
CA ASP J 108 29.43 7.43 17.86
C ASP J 108 30.69 6.99 18.61
N ARG J 109 31.50 6.15 17.96
CA ARG J 109 32.75 5.68 18.57
C ARG J 109 33.80 6.77 18.48
N LYS J 110 34.40 7.10 19.63
CA LYS J 110 35.42 8.15 19.67
C LYS J 110 36.80 7.62 20.06
N GLN J 111 36.87 6.35 20.43
CA GLN J 111 38.14 5.74 20.80
C GLN J 111 38.51 4.65 19.81
N ALA J 112 39.79 4.58 19.45
CA ALA J 112 40.27 3.60 18.48
C ALA J 112 39.55 3.78 17.15
N ARG J 113 39.55 5.02 16.66
CA ARG J 113 38.89 5.34 15.41
C ARG J 113 39.41 4.54 14.22
N SER J 114 40.73 4.32 14.16
CA SER J 114 41.31 3.54 13.06
C SER J 114 40.47 2.29 12.88
N LYS J 115 40.40 1.48 13.92
CA LYS J 115 39.60 0.27 13.89
C LYS J 115 38.15 0.74 13.85
N TYR J 116 37.25 -0.12 13.37
CA TYR J 116 35.85 0.23 13.29
C TYR J 116 35.59 1.33 12.27
N GLY J 117 34.36 1.81 12.18
CA GLY J 117 34.04 2.85 11.23
C GLY J 117 33.85 4.25 11.79
N VAL J 118 34.94 4.99 11.86
CA VAL J 118 34.93 6.37 12.38
C VAL J 118 36.16 7.14 11.91
N LYS J 119 35.96 8.39 11.52
CA LYS J 119 37.06 9.22 11.05
C LYS J 119 36.89 10.67 11.52
N ARG J 120 37.64 11.04 12.56
CA ARG J 120 37.58 12.38 13.14
C ARG J 120 36.14 12.80 13.44
N PRO J 121 35.74 12.70 14.72
CA PRO J 121 34.41 13.06 15.20
C PRO J 121 33.96 14.49 14.94
N LYS J 122 32.83 14.86 15.53
CA LYS J 122 32.25 16.18 15.41
C LYS J 122 33.16 17.30 15.90
N ALA J 123 34.41 16.96 16.19
CA ALA J 123 35.39 17.93 16.67
C ALA J 123 34.99 18.50 18.03
N MET K 1 -16.65 -48.64 9.05
CA MET K 1 -17.22 -47.70 8.05
C MET K 1 -18.28 -48.37 7.22
N THR K 2 -18.71 -47.63 6.19
CA THR K 2 -19.55 -48.08 5.13
C THR K 2 -18.94 -47.36 3.98
N LEU K 3 -19.41 -47.64 2.75
CA LEU K 3 -18.97 -47.03 1.52
C LEU K 3 -19.14 -45.54 1.56
N LYS K 4 -20.34 -45.09 1.99
CA LYS K 4 -20.71 -43.71 2.15
C LYS K 4 -19.79 -42.95 3.07
N GLU K 5 -19.38 -43.59 4.18
CA GLU K 5 -18.51 -42.96 5.14
C GLU K 5 -17.10 -42.94 4.66
N LEU K 6 -16.70 -43.94 3.84
CA LEU K 6 -15.40 -44.03 3.26
C LEU K 6 -15.19 -42.91 2.29
N TYR K 7 -16.20 -42.64 1.43
CA TYR K 7 -16.18 -41.57 0.46
C TYR K 7 -16.06 -40.25 1.14
N ALA K 8 -16.96 -39.99 2.12
CA ALA K 8 -16.99 -38.79 2.91
C ALA K 8 -15.70 -38.49 3.58
N GLU K 9 -15.08 -39.51 4.19
CA GLU K 9 -13.80 -39.40 4.86
C GLU K 9 -12.69 -39.12 3.90
N THR K 10 -12.65 -39.85 2.76
CA THR K 10 -11.65 -39.71 1.73
C THR K 10 -11.66 -38.34 1.15
N ARG K 11 -12.85 -37.83 0.81
CA ARG K 11 -13.08 -36.52 0.27
C ARG K 11 -12.70 -35.42 1.21
N SER K 12 -12.94 -35.63 2.53
CA SER K 12 -12.58 -34.73 3.58
C SER K 12 -11.09 -34.63 3.67
N HIS K 13 -10.40 -35.77 3.76
CA HIS K 13 -8.97 -35.87 3.88
C HIS K 13 -8.26 -35.18 2.76
N MET K 14 -8.59 -35.53 1.49
CA MET K 14 -8.07 -34.94 0.28
C MET K 14 -8.24 -33.46 0.23
N GLN K 15 -9.43 -32.96 0.68
CA GLN K 15 -9.75 -31.55 0.77
C GLN K 15 -8.84 -30.85 1.74
N LYS K 16 -8.51 -31.52 2.85
CA LYS K 16 -7.61 -31.04 3.86
C LYS K 16 -6.20 -30.98 3.37
N SER K 17 -5.79 -31.94 2.51
CA SER K 17 -4.48 -32.00 1.90
C SER K 17 -4.33 -30.89 0.91
N LEU K 18 -5.43 -30.61 0.18
CA LEU K 18 -5.56 -29.53 -0.75
C LEU K 18 -5.44 -28.20 -0.04
N GLU K 19 -5.90 -28.12 1.23
CA GLU K 19 -5.85 -26.94 2.04
C GLU K 19 -4.45 -26.66 2.55
N VAL K 20 -3.67 -27.71 2.88
CA VAL K 20 -2.26 -27.58 3.25
C VAL K 20 -1.46 -27.07 2.08
N LEU K 21 -1.86 -27.52 0.86
CA LEU K 21 -1.25 -27.12 -0.38
C LEU K 21 -1.55 -25.67 -0.66
N GLU K 22 -2.82 -25.25 -0.48
CA GLU K 22 -3.29 -23.89 -0.65
C GLU K 22 -2.51 -22.97 0.23
N HIS K 23 -2.28 -23.36 1.51
CA HIS K 23 -1.50 -22.60 2.46
C HIS K 23 -0.09 -22.36 1.98
N ASN K 24 0.66 -23.46 1.68
CA ASN K 24 2.03 -23.42 1.22
C ASN K 24 2.26 -22.55 0.00
N LEU K 25 1.24 -22.50 -0.89
CA LEU K 25 1.26 -21.71 -2.10
C LEU K 25 0.91 -20.26 -1.90
N ALA K 26 -0.17 -19.98 -1.12
CA ALA K 26 -0.83 -18.69 -1.04
C ALA K 26 -0.01 -17.51 -0.59
N GLY K 27 1.18 -17.70 0.03
CA GLY K 27 2.07 -16.61 0.36
C GLY K 27 2.58 -15.99 -0.93
N LEU K 28 2.81 -14.67 -0.94
CA LEU K 28 3.40 -14.01 -2.07
C LEU K 28 4.09 -12.79 -1.53
N ARG K 29 5.09 -12.28 -2.28
CA ARG K 29 6.01 -11.26 -1.84
C ARG K 29 5.47 -9.90 -2.19
N THR K 30 4.30 -9.84 -2.87
CA THR K 30 3.62 -8.60 -3.16
C THR K 30 2.92 -8.21 -1.88
N GLY K 31 2.87 -6.90 -1.56
CA GLY K 31 2.35 -6.47 -0.29
C GLY K 31 2.79 -5.06 -0.02
N ARG K 32 3.13 -4.31 -1.10
CA ARG K 32 3.53 -2.94 -1.00
C ARG K 32 3.39 -2.35 -2.38
N ALA K 33 3.06 -3.21 -3.38
CA ALA K 33 2.87 -2.79 -4.74
C ALA K 33 1.40 -2.55 -4.99
N ASN K 34 0.58 -2.56 -3.90
CA ASN K 34 -0.85 -2.36 -3.95
C ASN K 34 -1.18 -0.97 -4.43
N PRO K 35 -2.18 -0.72 -5.28
CA PRO K 35 -2.47 0.61 -5.77
C PRO K 35 -3.32 1.36 -4.77
N ALA K 36 -4.21 0.65 -4.05
CA ALA K 36 -5.12 1.18 -3.05
C ALA K 36 -4.42 1.81 -1.88
N LEU K 37 -3.11 1.50 -1.70
CA LEU K 37 -2.24 1.95 -0.64
C LEU K 37 -2.16 3.45 -0.50
N LEU K 38 -2.10 4.17 -1.65
CA LEU K 38 -1.87 5.60 -1.65
C LEU K 38 -3.12 6.45 -1.78
N LEU K 39 -4.34 5.89 -1.78
CA LEU K 39 -5.53 6.69 -2.02
C LEU K 39 -5.93 7.53 -0.84
N HIS K 40 -5.44 7.18 0.36
CA HIS K 40 -5.78 7.86 1.59
C HIS K 40 -5.08 9.19 1.74
N LEU K 41 -3.95 9.37 1.02
CA LEU K 41 -3.13 10.55 1.11
C LEU K 41 -3.82 11.79 0.62
N LYS K 42 -3.90 12.81 1.52
CA LYS K 42 -4.42 14.12 1.24
C LYS K 42 -3.42 14.86 0.41
N VAL K 43 -3.81 15.31 -0.79
CA VAL K 43 -2.91 15.93 -1.71
C VAL K 43 -3.23 17.38 -1.70
N GLU K 44 -2.17 18.22 -1.64
CA GLU K 44 -2.27 19.65 -1.77
C GLU K 44 -2.48 19.95 -3.22
N TYR K 45 -3.69 20.43 -3.56
CA TYR K 45 -3.98 20.78 -4.90
C TYR K 45 -4.69 22.07 -4.68
N TYR K 46 -4.11 23.16 -5.22
CA TYR K 46 -4.54 24.53 -5.11
C TYR K 46 -4.80 24.96 -3.69
N GLY K 47 -3.97 24.46 -2.73
CA GLY K 47 -4.04 24.80 -1.34
C GLY K 47 -5.14 24.07 -0.63
N ALA K 48 -5.89 23.20 -1.35
CA ALA K 48 -6.96 22.42 -0.78
C ALA K 48 -6.43 21.04 -0.61
N HIS K 49 -7.14 20.27 0.24
CA HIS K 49 -6.77 18.94 0.61
C HIS K 49 -7.71 17.98 -0.04
N VAL K 50 -7.49 17.72 -1.33
CA VAL K 50 -8.31 16.84 -2.12
C VAL K 50 -7.76 15.44 -1.94
N PRO K 51 -8.56 14.39 -1.75
CA PRO K 51 -8.09 13.03 -1.62
C PRO K 51 -7.41 12.59 -2.89
N LEU K 52 -6.32 11.77 -2.78
CA LEU K 52 -5.47 11.33 -3.87
C LEU K 52 -6.24 10.79 -5.03
N ASN K 53 -7.27 9.95 -4.80
CA ASN K 53 -8.09 9.34 -5.83
C ASN K 53 -8.81 10.35 -6.71
N GLN K 54 -9.31 11.48 -6.13
CA GLN K 54 -10.00 12.50 -6.88
C GLN K 54 -9.12 13.37 -7.73
N ILE K 55 -7.78 13.31 -7.54
CA ILE K 55 -6.83 14.15 -8.21
C ILE K 55 -5.88 13.32 -9.02
N ALA K 56 -5.86 11.99 -8.80
CA ALA K 56 -4.88 11.16 -9.43
C ALA K 56 -5.36 9.74 -9.42
N THR K 57 -4.62 8.90 -10.17
CA THR K 57 -4.85 7.49 -10.38
C THR K 57 -3.56 6.83 -9.99
N VAL K 58 -3.61 5.55 -9.54
CA VAL K 58 -2.42 4.80 -9.19
C VAL K 58 -2.68 3.47 -9.83
N THR K 59 -1.84 3.14 -10.85
CA THR K 59 -1.88 1.89 -11.56
C THR K 59 -0.59 1.16 -11.29
N ALA K 60 -0.60 -0.17 -11.53
CA ALA K 60 0.54 -1.03 -11.38
C ALA K 60 0.60 -1.83 -12.67
N PRO K 61 1.65 -1.75 -13.50
CA PRO K 61 1.73 -2.53 -14.72
C PRO K 61 2.36 -3.86 -14.38
N ASP K 62 3.03 -3.92 -13.21
CA ASP K 62 3.70 -5.09 -12.70
C ASP K 62 3.85 -4.78 -11.23
N PRO K 63 4.21 -5.71 -10.35
CA PRO K 63 4.33 -5.41 -8.93
C PRO K 63 5.79 -5.25 -8.64
N ARG K 64 6.49 -4.47 -9.48
CA ARG K 64 7.89 -4.18 -9.35
C ARG K 64 8.03 -2.68 -9.37
N THR K 65 7.26 -2.01 -10.24
CA THR K 65 7.21 -0.57 -10.38
C THR K 65 5.77 -0.22 -10.11
N LEU K 66 5.49 1.04 -9.71
CA LEU K 66 4.16 1.51 -9.46
C LEU K 66 4.17 2.90 -10.05
N VAL K 67 3.22 3.23 -10.97
CA VAL K 67 3.21 4.53 -11.59
C VAL K 67 1.99 5.29 -11.13
N VAL K 68 2.17 6.59 -10.76
CA VAL K 68 1.11 7.41 -10.24
C VAL K 68 0.91 8.58 -11.16
N GLN K 69 -0.18 8.55 -11.97
CA GLN K 69 -0.56 9.63 -12.85
C GLN K 69 -1.45 10.55 -12.09
N SER K 70 -1.14 11.87 -12.11
CA SER K 70 -1.85 12.90 -11.40
C SER K 70 -2.28 13.93 -12.38
N TRP K 71 -3.62 14.08 -12.57
CA TRP K 71 -4.29 14.99 -13.50
C TRP K 71 -3.66 16.35 -13.59
N ASP K 72 -3.31 16.95 -12.44
CA ASP K 72 -2.68 18.24 -12.37
C ASP K 72 -1.27 18.07 -11.86
N GLN K 73 -0.36 18.86 -12.47
CA GLN K 73 1.05 18.91 -12.22
C GLN K 73 1.45 19.34 -10.82
N ASN K 74 0.68 20.25 -10.18
CA ASN K 74 0.96 20.75 -8.85
C ASN K 74 0.70 19.70 -7.82
N ALA K 75 -0.42 18.97 -8.04
CA ALA K 75 -0.86 17.87 -7.23
C ALA K 75 0.15 16.75 -7.22
N LEU K 76 0.80 16.46 -8.38
CA LEU K 76 1.81 15.42 -8.53
C LEU K 76 2.97 15.62 -7.61
N LYS K 77 3.36 16.91 -7.40
CA LYS K 77 4.40 17.33 -6.50
C LYS K 77 4.07 16.96 -5.08
N ALA K 78 2.87 17.36 -4.60
CA ALA K 78 2.48 17.15 -3.23
C ALA K 78 2.19 15.70 -2.92
N ILE K 79 1.96 14.84 -3.96
CA ILE K 79 1.82 13.41 -3.83
C ILE K 79 3.17 12.82 -3.53
N GLU K 80 4.25 13.38 -4.15
CA GLU K 80 5.61 12.93 -4.04
C GLU K 80 6.16 13.16 -2.67
N LYS K 81 5.80 14.31 -2.04
CA LYS K 81 6.21 14.67 -0.70
C LYS K 81 5.50 13.88 0.37
N ALA K 82 4.82 12.75 0.02
CA ALA K 82 4.08 11.96 0.97
C ALA K 82 4.42 10.49 0.82
N ILE K 83 4.74 10.02 -0.41
CA ILE K 83 5.09 8.63 -0.72
C ILE K 83 6.21 8.09 0.16
N ARG K 84 7.27 8.92 0.35
CA ARG K 84 8.47 8.58 1.08
C ARG K 84 8.22 8.50 2.56
N ASP K 85 8.92 9.33 3.37
CA ASP K 85 8.87 9.30 4.80
C ASP K 85 7.52 9.75 5.27
N SER K 86 6.77 8.79 5.85
CA SER K 86 5.45 9.00 6.35
C SER K 86 5.29 7.84 7.29
N ASP K 87 5.29 6.61 6.71
CA ASP K 87 5.25 5.38 7.44
C ASP K 87 5.58 4.28 6.48
N LEU K 88 5.63 4.62 5.16
CA LEU K 88 5.89 3.69 4.10
C LEU K 88 7.38 3.57 3.92
N GLY K 89 8.07 4.73 3.84
CA GLY K 89 9.52 4.77 3.71
C GLY K 89 9.98 4.50 2.30
N LEU K 90 9.04 4.49 1.32
CA LEU K 90 9.30 4.22 -0.08
C LEU K 90 10.10 5.34 -0.72
N ASN K 91 10.44 5.17 -2.02
CA ASN K 91 11.29 6.10 -2.72
C ASN K 91 10.65 6.45 -4.04
N PRO K 92 9.81 7.47 -4.17
CA PRO K 92 9.27 7.87 -5.46
C PRO K 92 10.37 8.55 -6.25
N SER K 93 10.32 8.43 -7.59
CA SER K 93 11.21 9.14 -8.47
C SER K 93 10.29 9.90 -9.38
N ASN K 94 10.70 11.12 -9.76
CA ASN K 94 9.97 11.94 -10.70
C ASN K 94 10.47 11.52 -12.06
N LYS K 95 9.61 10.88 -12.87
CA LYS K 95 10.04 10.32 -14.13
C LYS K 95 8.80 10.28 -14.99
N GLY K 96 8.69 11.30 -15.87
CA GLY K 96 7.56 11.46 -16.76
C GLY K 96 6.50 12.27 -16.07
N ASP K 97 5.23 12.01 -16.44
CA ASP K 97 4.07 12.69 -15.91
C ASP K 97 3.48 11.87 -14.78
N ALA K 98 4.28 10.91 -14.28
CA ALA K 98 3.88 9.99 -13.26
C ALA K 98 5.07 9.75 -12.40
N LEU K 99 4.83 9.34 -11.13
CA LEU K 99 5.91 9.05 -10.23
C LEU K 99 6.06 7.57 -10.32
N TYR K 100 7.32 7.12 -10.48
CA TYR K 100 7.69 5.74 -10.56
C TYR K 100 8.15 5.47 -9.17
N ILE K 101 7.55 4.45 -8.52
CA ILE K 101 7.83 4.17 -7.14
C ILE K 101 8.19 2.74 -7.18
N ASN K 102 9.49 2.49 -6.97
CA ASN K 102 10.07 1.19 -7.04
C ASN K 102 9.79 0.42 -5.79
N ILE K 103 9.54 -0.88 -5.97
CA ILE K 103 9.24 -1.84 -4.95
C ILE K 103 10.34 -2.88 -5.10
N PRO K 104 10.85 -3.54 -4.05
CA PRO K 104 11.95 -4.49 -4.10
C PRO K 104 11.93 -5.49 -5.25
N PRO K 105 13.01 -5.71 -6.01
CA PRO K 105 12.99 -6.61 -7.15
C PRO K 105 13.45 -7.97 -6.72
N LEU K 106 13.51 -8.92 -7.68
CA LEU K 106 13.90 -10.28 -7.46
C LEU K 106 14.61 -10.62 -8.73
N THR K 107 15.82 -11.22 -8.65
CA THR K 107 16.57 -11.64 -9.81
C THR K 107 15.93 -12.89 -10.37
N GLU K 108 16.14 -13.13 -11.68
CA GLU K 108 15.70 -14.27 -12.42
C GLU K 108 16.27 -15.55 -11.87
N GLU K 109 17.51 -15.52 -11.31
CA GLU K 109 18.07 -16.70 -10.69
C GLU K 109 17.26 -17.17 -9.53
N ARG K 110 16.80 -16.23 -8.68
CA ARG K 110 15.96 -16.53 -7.54
C ARG K 110 14.57 -16.91 -7.98
N ARG K 111 14.17 -16.54 -9.22
CA ARG K 111 12.90 -16.86 -9.79
C ARG K 111 12.82 -18.32 -10.14
N LYS K 112 13.98 -18.93 -10.48
CA LYS K 112 14.11 -20.35 -10.80
C LYS K 112 13.92 -21.11 -9.53
N ASP K 113 14.72 -20.71 -8.51
CA ASP K 113 14.76 -21.20 -7.15
C ASP K 113 13.41 -21.15 -6.45
N LEU K 114 12.47 -20.32 -6.96
CA LEU K 114 11.14 -20.09 -6.43
C LEU K 114 10.14 -21.01 -7.08
N VAL K 115 10.19 -21.14 -8.43
CA VAL K 115 9.28 -21.95 -9.22
C VAL K 115 9.45 -23.43 -8.88
N ARG K 116 10.69 -23.90 -8.58
CA ARG K 116 10.91 -25.26 -8.16
C ARG K 116 10.25 -25.53 -6.81
N ALA K 117 10.32 -24.57 -5.86
CA ALA K 117 9.72 -24.64 -4.53
C ALA K 117 8.23 -24.83 -4.61
N VAL K 118 7.57 -24.07 -5.53
CA VAL K 118 6.14 -24.14 -5.84
C VAL K 118 5.80 -25.55 -6.23
N ARG K 119 6.59 -26.14 -7.17
CA ARG K 119 6.41 -27.48 -7.67
C ARG K 119 6.62 -28.51 -6.57
N GLN K 120 7.50 -28.22 -5.57
CA GLN K 120 7.71 -29.07 -4.43
C GLN K 120 6.50 -29.04 -3.53
N TYR K 121 5.88 -27.86 -3.30
CA TYR K 121 4.69 -27.72 -2.48
C TYR K 121 3.52 -28.37 -3.13
N ALA K 122 3.44 -28.27 -4.47
CA ALA K 122 2.45 -28.86 -5.33
C ALA K 122 2.48 -30.34 -5.17
N GLU K 123 3.70 -30.92 -5.21
CA GLU K 123 3.94 -32.33 -5.09
C GLU K 123 3.59 -32.84 -3.70
N GLU K 124 3.74 -32.02 -2.64
CA GLU K 124 3.34 -32.40 -1.30
C GLU K 124 1.85 -32.54 -1.17
N GLY K 125 1.08 -31.70 -1.90
CA GLY K 125 -0.36 -31.78 -1.93
C GLY K 125 -0.84 -32.98 -2.67
N ARG K 126 -0.32 -33.19 -3.90
CA ARG K 126 -0.68 -34.29 -4.78
C ARG K 126 -0.38 -35.65 -4.22
N VAL K 127 0.83 -35.82 -3.61
CA VAL K 127 1.26 -37.04 -2.95
C VAL K 127 0.34 -37.38 -1.83
N ALA K 128 -0.10 -36.37 -1.04
CA ALA K 128 -1.00 -36.58 0.06
C ALA K 128 -2.35 -37.04 -0.42
N ILE K 129 -2.88 -36.45 -1.52
CA ILE K 129 -4.16 -36.79 -2.10
C ILE K 129 -4.14 -38.18 -2.69
N ARG K 130 -3.06 -38.56 -3.43
CA ARG K 130 -2.91 -39.89 -3.98
C ARG K 130 -2.71 -40.95 -2.93
N ASN K 131 -2.06 -40.58 -1.81
CA ASN K 131 -1.82 -41.47 -0.71
C ASN K 131 -3.11 -41.69 0.01
N ILE K 132 -4.03 -40.71 -0.01
CA ILE K 132 -5.34 -40.85 0.55
C ILE K 132 -6.15 -41.75 -0.33
N ARG K 133 -6.02 -41.65 -1.68
CA ARG K 133 -6.69 -42.57 -2.58
C ARG K 133 -6.22 -43.99 -2.35
N ARG K 134 -4.90 -44.17 -2.17
CA ARG K 134 -4.26 -45.42 -1.87
C ARG K 134 -4.76 -46.01 -0.58
N GLU K 135 -4.84 -45.16 0.46
CA GLU K 135 -5.29 -45.48 1.80
C GLU K 135 -6.75 -45.79 1.78
N ALA K 136 -7.52 -45.09 0.94
CA ALA K 136 -8.94 -45.26 0.74
C ALA K 136 -9.20 -46.58 0.11
N LEU K 137 -8.32 -47.01 -0.81
CA LEU K 137 -8.38 -48.28 -1.50
C LEU K 137 -8.07 -49.39 -0.52
N ASP K 138 -7.09 -49.18 0.38
CA ASP K 138 -6.75 -50.08 1.46
C ASP K 138 -7.90 -50.25 2.42
N LYS K 139 -8.57 -49.13 2.79
CA LYS K 139 -9.71 -49.08 3.67
C LYS K 139 -10.90 -49.74 3.05
N LEU K 140 -11.03 -49.64 1.71
CA LEU K 140 -12.07 -50.23 0.90
C LEU K 140 -11.87 -51.71 0.83
N LYS K 141 -10.61 -52.18 0.84
CA LYS K 141 -10.24 -53.58 0.84
C LYS K 141 -10.70 -54.24 2.10
N LYS K 142 -10.49 -53.57 3.26
CA LYS K 142 -10.89 -54.06 4.57
C LYS K 142 -12.37 -54.03 4.67
N LEU K 143 -12.98 -52.92 4.21
CA LEU K 143 -14.38 -52.63 4.21
C LEU K 143 -15.16 -53.64 3.41
N ALA K 144 -14.59 -54.04 2.25
CA ALA K 144 -15.15 -54.99 1.33
C ALA K 144 -15.23 -56.32 1.98
N LYS K 145 -14.14 -56.75 2.64
CA LYS K 145 -14.09 -57.99 3.36
C LYS K 145 -15.02 -58.00 4.55
N GLU K 146 -15.01 -56.89 5.31
CA GLU K 146 -15.76 -56.66 6.52
C GLU K 146 -17.24 -56.62 6.34
N LEU K 147 -17.73 -55.93 5.29
CA LEU K 147 -19.13 -55.82 4.98
C LEU K 147 -19.55 -56.79 3.92
N HIS K 148 -18.63 -57.67 3.47
CA HIS K 148 -18.84 -58.68 2.46
C HIS K 148 -19.35 -58.13 1.15
N LEU K 149 -18.79 -56.96 0.74
CA LEU K 149 -19.09 -56.30 -0.51
C LEU K 149 -18.56 -57.10 -1.66
N SER K 150 -19.32 -57.11 -2.79
CA SER K 150 -18.95 -57.86 -3.97
C SER K 150 -17.87 -57.15 -4.71
N GLU K 151 -17.27 -57.84 -5.70
CA GLU K 151 -16.23 -57.33 -6.55
C GLU K 151 -16.68 -56.14 -7.34
N ASP K 152 -17.91 -56.20 -7.90
CA ASP K 152 -18.52 -55.18 -8.71
C ASP K 152 -18.79 -53.94 -7.92
N GLU K 153 -19.19 -54.14 -6.65
CA GLU K 153 -19.50 -53.13 -5.67
C GLU K 153 -18.24 -52.41 -5.34
N THR K 154 -17.16 -53.18 -5.14
CA THR K 154 -15.85 -52.68 -4.81
C THR K 154 -15.32 -51.92 -6.00
N LYS K 155 -15.52 -52.37 -7.26
CA LYS K 155 -15.11 -51.64 -8.45
C LYS K 155 -15.87 -50.36 -8.65
N ARG K 156 -17.14 -50.31 -8.18
CA ARG K 156 -17.95 -49.13 -8.25
C ARG K 156 -17.44 -48.14 -7.24
N ALA K 157 -17.04 -48.66 -6.07
CA ALA K 157 -16.47 -47.89 -4.99
C ALA K 157 -15.12 -47.34 -5.32
N GLU K 158 -14.33 -48.08 -6.12
CA GLU K 158 -13.01 -47.68 -6.57
C GLU K 158 -13.13 -46.53 -7.51
N ALA K 159 -14.12 -46.60 -8.42
CA ALA K 159 -14.42 -45.56 -9.38
C ALA K 159 -14.83 -44.29 -8.71
N GLU K 160 -15.59 -44.41 -7.59
CA GLU K 160 -16.05 -43.27 -6.82
C GLU K 160 -14.94 -42.58 -6.11
N ILE K 161 -14.00 -43.36 -5.52
CA ILE K 161 -12.84 -42.84 -4.82
C ILE K 161 -11.93 -42.17 -5.80
N GLN K 162 -11.73 -42.80 -6.99
CA GLN K 162 -10.91 -42.31 -8.08
C GLN K 162 -11.42 -41.01 -8.62
N LYS K 163 -12.76 -40.86 -8.72
CA LYS K 163 -13.38 -39.66 -9.23
C LYS K 163 -13.12 -38.51 -8.31
N ILE K 164 -13.13 -38.77 -6.98
CA ILE K 164 -12.87 -37.80 -5.96
C ILE K 164 -11.42 -37.38 -6.04
N THR K 165 -10.49 -38.35 -6.25
CA THR K 165 -9.07 -38.13 -6.41
C THR K 165 -8.77 -37.15 -7.51
N ASP K 166 -9.34 -37.38 -8.72
CA ASP K 166 -9.08 -36.59 -9.90
C ASP K 166 -9.52 -35.16 -9.78
N GLU K 167 -10.52 -34.89 -8.91
CA GLU K 167 -10.98 -33.55 -8.65
C GLU K 167 -9.96 -32.78 -7.88
N PHE K 168 -9.32 -33.43 -6.90
CA PHE K 168 -8.34 -32.81 -6.03
C PHE K 168 -7.03 -32.66 -6.72
N ILE K 169 -6.73 -33.54 -7.70
CA ILE K 169 -5.58 -33.43 -8.56
C ILE K 169 -5.76 -32.22 -9.45
N ALA K 170 -6.95 -32.05 -10.04
CA ALA K 170 -7.30 -30.94 -10.89
C ALA K 170 -7.19 -29.61 -10.19
N LYS K 171 -7.65 -29.57 -8.92
CA LYS K 171 -7.64 -28.38 -8.09
C LYS K 171 -6.24 -28.02 -7.73
N ALA K 172 -5.38 -29.04 -7.51
CA ALA K 172 -3.99 -28.87 -7.18
C ALA K 172 -3.26 -28.23 -8.32
N ASP K 173 -3.48 -28.74 -9.57
CA ASP K 173 -2.85 -28.22 -10.77
C ASP K 173 -3.16 -26.76 -11.00
N GLN K 174 -4.45 -26.37 -10.84
CA GLN K 174 -4.90 -25.01 -10.99
C GLN K 174 -4.26 -24.05 -10.03
N LEU K 175 -4.12 -24.47 -8.74
CA LEU K 175 -3.52 -23.65 -7.70
C LEU K 175 -2.09 -23.33 -8.00
N ALA K 176 -1.28 -24.37 -8.31
CA ALA K 176 0.12 -24.26 -8.62
C ALA K 176 0.37 -23.36 -9.79
N GLU K 177 -0.31 -23.64 -10.93
CA GLU K 177 -0.20 -22.88 -12.16
C GLU K 177 -0.51 -21.40 -12.02
N LYS K 178 -1.52 -21.06 -11.19
CA LYS K 178 -1.89 -19.67 -11.00
C LYS K 178 -0.87 -18.92 -10.21
N LYS K 179 -0.34 -19.55 -9.15
CA LYS K 179 0.66 -18.97 -8.29
C LYS K 179 1.95 -18.78 -9.02
N GLU K 180 2.24 -19.67 -10.00
CA GLU K 180 3.41 -19.64 -10.84
C GLU K 180 3.38 -18.40 -11.69
N GLN K 181 2.20 -18.07 -12.27
CA GLN K 181 2.04 -16.89 -13.09
C GLN K 181 2.12 -15.60 -12.32
N GLU K 182 1.76 -15.63 -11.01
CA GLU K 182 1.81 -14.48 -10.13
C GLU K 182 3.23 -14.17 -9.81
N ILE K 183 4.03 -15.22 -9.54
CA ILE K 183 5.44 -15.15 -9.25
C ILE K 183 6.18 -14.65 -10.46
N LEU K 184 5.81 -15.16 -11.65
CA LEU K 184 6.34 -14.76 -12.94
C LEU K 184 5.68 -13.49 -13.43
N GLY K 185 5.14 -12.66 -12.52
CA GLY K 185 4.54 -11.42 -12.88
C GLY K 185 4.45 -10.61 -11.59
#